data_1U1O
#
_entry.id   1U1O
#
_cell.length_a   50.681
_cell.length_b   50.681
_cell.length_c   172.738
_cell.angle_alpha   90.00
_cell.angle_beta   90.00
_cell.angle_gamma   90.00
#
_symmetry.space_group_name_H-M   'P 43 21 2'
#
loop_
_entity.id
_entity.type
_entity.pdbx_description
1 polymer "5'-D(*TP*AP*GP*GP*GP*TP*TP*AP*GP*(OIP)*G)-3'"
2 polymer 'Heterogeneous nuclear ribonucleoprotein A1'
3 water water
#
loop_
_entity_poly.entity_id
_entity_poly.type
_entity_poly.pdbx_seq_one_letter_code
_entity_poly.pdbx_strand_id
1 'polydeoxyribonucleotide' (DT)(DA)(DG)(DG)(DG)(DT)(DT)(DA)(DG)(DI)(DG) B
2 'polypeptide(L)'
;MSKSESPKEPEQLRKLFIGGLSFETTDESLRSHFEQWGTLTDCVVMRDPNTKRSRGFGFVTYATVEEVDAAMNARPHKVD
GRVVEPKRAVSREDSQRPGAHLTVKKIFVGGIKEDTEEHHLRDYFEQYGKIEVIEIMTDRGSGKKRGFAFVTFDDHDSVD
KIVIQKYHTVNGHNCEVRKALSKQEMASASSSQRGR
;
A
#
loop_
_chem_comp.id
_chem_comp.type
_chem_comp.name
_chem_comp.formula
DA DNA linking 2'-DEOXYADENOSINE-5'-MONOPHOSPHATE 'C10 H14 N5 O6 P'
DG DNA linking 2'-DEOXYGUANOSINE-5'-MONOPHOSPHATE 'C10 H14 N5 O7 P'
DI DNA linking 2'-DEOXYINOSINE-5'-MONOPHOSPHATE 'C10 H13 N4 O7 P'
DT DNA linking THYMIDINE-5'-MONOPHOSPHATE 'C10 H15 N2 O8 P'
#
# COMPACT_ATOMS: atom_id res chain seq x y z
N LYS B 8 -4.53 -10.55 -18.35
CA LYS B 8 -3.76 -9.29 -18.15
C LYS B 8 -4.34 -8.53 -16.97
N GLU B 9 -3.49 -8.24 -15.99
CA GLU B 9 -3.91 -7.51 -14.80
C GLU B 9 -3.89 -6.02 -15.09
N PRO B 10 -4.72 -5.25 -14.35
CA PRO B 10 -4.81 -3.80 -14.53
C PRO B 10 -3.49 -3.07 -14.34
N GLU B 11 -3.24 -2.09 -15.21
CA GLU B 11 -2.03 -1.29 -15.18
C GLU B 11 -1.75 -0.74 -13.76
N GLN B 12 -2.78 -0.20 -13.12
CA GLN B 12 -2.58 0.36 -11.79
C GLN B 12 -1.95 -0.66 -10.83
N LEU B 13 -2.40 -1.91 -10.91
CA LEU B 13 -1.89 -2.96 -10.03
C LEU B 13 -0.55 -3.52 -10.46
N ARG B 14 -0.10 -3.16 -11.66
CA ARG B 14 1.19 -3.64 -12.15
C ARG B 14 2.29 -2.59 -11.96
N LYS B 15 1.91 -1.46 -11.36
CA LYS B 15 2.85 -0.36 -11.17
C LYS B 15 3.25 0.00 -9.74
N LEU B 16 4.52 0.38 -9.60
CA LEU B 16 5.09 0.78 -8.32
C LEU B 16 5.55 2.22 -8.39
N PHE B 17 5.29 2.96 -7.31
CA PHE B 17 5.74 4.34 -7.19
C PHE B 17 7.15 4.16 -6.60
N ILE B 18 8.14 4.88 -7.14
CA ILE B 18 9.50 4.77 -6.60
C ILE B 18 9.92 6.14 -6.08
N GLY B 19 9.90 6.29 -4.76
CA GLY B 19 10.26 7.56 -4.15
C GLY B 19 11.70 7.65 -3.66
N GLY B 20 12.16 8.86 -3.36
CA GLY B 20 13.51 9.07 -2.86
C GLY B 20 14.61 8.77 -3.88
N LEU B 21 14.31 9.03 -5.15
CA LEU B 21 15.23 8.79 -6.25
C LEU B 21 16.42 9.72 -6.21
N SER B 22 17.61 9.20 -6.54
CA SER B 22 18.81 10.03 -6.58
C SER B 22 18.60 11.13 -7.60
N PHE B 23 19.26 12.26 -7.38
CA PHE B 23 19.15 13.40 -8.27
C PHE B 23 19.57 13.04 -9.70
N GLU B 24 20.43 12.04 -9.82
CA GLU B 24 20.92 11.64 -11.14
C GLU B 24 20.29 10.37 -11.70
N THR B 25 19.19 9.92 -11.11
CA THR B 25 18.56 8.72 -11.64
C THR B 25 17.76 9.10 -12.87
N THR B 26 17.83 8.24 -13.90
CA THR B 26 17.14 8.51 -15.14
C THR B 26 16.23 7.37 -15.56
N ASP B 27 15.38 7.61 -16.54
CA ASP B 27 14.48 6.59 -17.03
C ASP B 27 15.32 5.33 -17.26
N GLU B 28 16.49 5.52 -17.85
CA GLU B 28 17.40 4.43 -18.16
C GLU B 28 18.06 3.73 -16.98
N SER B 29 18.52 4.50 -15.99
CA SER B 29 19.17 3.87 -14.85
C SER B 29 18.11 3.19 -13.98
N LEU B 30 16.93 3.80 -13.93
CA LEU B 30 15.85 3.23 -13.15
C LEU B 30 15.49 1.89 -13.76
N ARG B 31 15.25 1.88 -15.07
CA ARG B 31 14.90 0.65 -15.78
C ARG B 31 15.93 -0.44 -15.61
N SER B 32 17.19 -0.10 -15.85
CA SER B 32 18.27 -1.06 -15.71
C SER B 32 18.26 -1.78 -14.37
N HIS B 33 17.86 -1.09 -13.31
CA HIS B 33 17.82 -1.70 -11.99
C HIS B 33 16.63 -2.64 -11.80
N PHE B 34 15.43 -2.11 -12.01
CA PHE B 34 14.22 -2.90 -11.80
C PHE B 34 13.92 -3.99 -12.82
N GLU B 35 14.59 -3.98 -13.96
CA GLU B 35 14.36 -5.01 -14.96
C GLU B 35 14.87 -6.34 -14.43
N GLN B 36 15.66 -6.28 -13.37
CA GLN B 36 16.22 -7.47 -12.76
C GLN B 36 15.13 -8.36 -12.18
N TRP B 37 13.94 -7.81 -12.01
CA TRP B 37 12.84 -8.59 -11.45
C TRP B 37 11.67 -8.81 -12.40
N GLY B 38 11.84 -8.42 -13.66
CA GLY B 38 10.77 -8.64 -14.63
C GLY B 38 10.78 -7.74 -15.85
N THR B 39 9.78 -7.94 -16.70
CA THR B 39 9.61 -7.17 -17.93
C THR B 39 8.93 -5.85 -17.63
N LEU B 40 9.65 -4.75 -17.81
CA LEU B 40 9.09 -3.43 -17.57
C LEU B 40 8.28 -2.92 -18.76
N THR B 41 6.98 -2.75 -18.56
CA THR B 41 6.13 -2.25 -19.64
C THR B 41 6.14 -0.73 -19.61
N ASP B 42 6.72 -0.17 -18.56
CA ASP B 42 6.80 1.27 -18.40
C ASP B 42 7.83 1.59 -17.32
N CYS B 43 8.52 2.71 -17.48
CA CYS B 43 9.55 3.14 -16.52
C CYS B 43 9.79 4.62 -16.79
N VAL B 44 9.56 5.45 -15.78
CA VAL B 44 9.73 6.88 -15.97
C VAL B 44 10.07 7.68 -14.72
N VAL B 45 10.87 8.72 -14.93
CA VAL B 45 11.28 9.62 -13.85
C VAL B 45 10.53 10.93 -14.03
N MET B 46 9.77 11.31 -13.01
CA MET B 46 9.00 12.54 -13.05
C MET B 46 9.94 13.72 -12.78
N ARG B 47 9.84 14.74 -13.62
CA ARG B 47 10.66 15.93 -13.46
C ARG B 47 9.88 17.19 -13.83
N ASP B 48 10.36 18.34 -13.38
CA ASP B 48 9.69 19.61 -13.65
C ASP B 48 9.58 19.86 -15.16
N PRO B 49 8.36 20.12 -15.65
CA PRO B 49 8.14 20.38 -17.07
C PRO B 49 8.87 21.63 -17.54
N ASN B 50 9.14 22.53 -16.60
CA ASN B 50 9.81 23.78 -16.91
C ASN B 50 11.33 23.66 -16.92
N THR B 51 11.90 23.31 -15.78
CA THR B 51 13.35 23.18 -15.65
C THR B 51 13.87 21.81 -16.05
N LYS B 52 12.97 20.85 -16.25
CA LYS B 52 13.33 19.49 -16.61
C LYS B 52 14.11 18.82 -15.48
N ARG B 53 14.15 19.50 -14.34
CA ARG B 53 14.85 19.01 -13.15
C ARG B 53 14.01 17.86 -12.58
N SER B 54 14.69 16.80 -12.16
CA SER B 54 14.02 15.64 -11.58
C SER B 54 13.23 16.01 -10.34
N ARG B 55 12.03 15.44 -10.20
CA ARG B 55 11.20 15.69 -9.03
C ARG B 55 11.54 14.68 -7.95
N GLY B 56 12.54 13.85 -8.22
CA GLY B 56 12.98 12.87 -7.24
C GLY B 56 12.11 11.65 -7.04
N PHE B 57 11.31 11.32 -8.03
CA PHE B 57 10.46 10.13 -7.93
C PHE B 57 10.08 9.64 -9.32
N GLY B 58 9.59 8.40 -9.38
CA GLY B 58 9.20 7.82 -10.65
C GLY B 58 8.34 6.60 -10.49
N PHE B 59 8.05 5.94 -11.60
CA PHE B 59 7.24 4.73 -11.58
C PHE B 59 7.83 3.69 -12.51
N VAL B 60 7.63 2.43 -12.16
CA VAL B 60 8.05 1.30 -12.98
C VAL B 60 6.82 0.40 -13.01
N THR B 61 6.55 -0.18 -14.17
CA THR B 61 5.39 -1.05 -14.31
C THR B 61 5.82 -2.36 -14.94
N TYR B 62 5.41 -3.46 -14.34
CA TYR B 62 5.76 -4.79 -14.83
C TYR B 62 4.63 -5.42 -15.64
N ALA B 63 4.96 -6.50 -16.35
CA ALA B 63 3.97 -7.20 -17.16
C ALA B 63 2.97 -7.94 -16.29
N THR B 64 3.34 -8.25 -15.05
CA THR B 64 2.46 -8.97 -14.13
C THR B 64 2.64 -8.52 -12.69
N VAL B 65 1.63 -8.74 -11.86
CA VAL B 65 1.74 -8.34 -10.47
C VAL B 65 2.74 -9.25 -9.77
N GLU B 66 2.87 -10.49 -10.26
CA GLU B 66 3.82 -11.42 -9.65
C GLU B 66 5.22 -10.80 -9.71
N GLU B 67 5.54 -10.16 -10.83
CA GLU B 67 6.84 -9.52 -10.98
C GLU B 67 6.91 -8.34 -10.01
N VAL B 68 5.78 -7.69 -9.79
CA VAL B 68 5.75 -6.57 -8.84
C VAL B 68 6.05 -7.09 -7.44
N ASP B 69 5.41 -8.22 -7.08
CA ASP B 69 5.63 -8.81 -5.76
C ASP B 69 7.09 -9.22 -5.60
N ALA B 70 7.69 -9.67 -6.69
CA ALA B 70 9.08 -10.08 -6.64
C ALA B 70 9.93 -8.87 -6.30
N ALA B 71 9.67 -7.76 -6.97
CA ALA B 71 10.41 -6.54 -6.73
C ALA B 71 10.30 -6.10 -5.27
N MET B 72 9.07 -6.08 -4.75
CA MET B 72 8.86 -5.66 -3.37
C MET B 72 9.49 -6.62 -2.39
N ASN B 73 9.59 -7.89 -2.75
CA ASN B 73 10.22 -8.86 -1.84
C ASN B 73 11.73 -8.70 -1.86
N ALA B 74 12.23 -7.83 -2.75
CA ALA B 74 13.66 -7.60 -2.85
C ALA B 74 14.15 -6.35 -2.17
N ARG B 75 13.32 -5.75 -1.32
CA ARG B 75 13.73 -4.55 -0.61
C ARG B 75 14.81 -4.93 0.40
N PRO B 76 15.72 -4.01 0.75
CA PRO B 76 15.76 -2.63 0.25
C PRO B 76 16.35 -2.51 -1.16
N HIS B 77 15.91 -1.49 -1.88
CA HIS B 77 16.38 -1.23 -3.24
C HIS B 77 17.30 -0.01 -3.28
N LYS B 78 18.47 -0.19 -3.87
CA LYS B 78 19.44 0.87 -3.98
C LYS B 78 19.62 1.16 -5.47
N VAL B 79 19.36 2.39 -5.88
CA VAL B 79 19.47 2.78 -7.26
C VAL B 79 20.42 3.97 -7.37
N ASP B 80 21.43 3.84 -8.21
CA ASP B 80 22.41 4.90 -8.38
C ASP B 80 22.99 5.33 -7.03
N GLY B 81 23.34 4.32 -6.22
CA GLY B 81 23.91 4.57 -4.91
C GLY B 81 23.02 5.08 -3.80
N ARG B 82 21.73 5.29 -4.10
CA ARG B 82 20.78 5.81 -3.12
C ARG B 82 19.70 4.77 -2.78
N VAL B 83 19.40 4.61 -1.50
CA VAL B 83 18.35 3.67 -1.09
C VAL B 83 17.04 4.37 -1.43
N VAL B 84 16.22 3.75 -2.28
CA VAL B 84 14.95 4.35 -2.67
C VAL B 84 13.77 3.72 -1.92
N GLU B 85 12.57 4.25 -2.13
CA GLU B 85 11.40 3.72 -1.43
C GLU B 85 10.28 3.29 -2.39
N PRO B 86 10.27 2.00 -2.77
CA PRO B 86 9.27 1.43 -3.68
C PRO B 86 7.94 1.25 -2.94
N LYS B 87 6.85 1.64 -3.59
CA LYS B 87 5.53 1.53 -2.98
C LYS B 87 4.46 1.20 -4.01
N ARG B 88 3.43 0.48 -3.60
CA ARG B 88 2.34 0.14 -4.51
C ARG B 88 1.82 1.48 -5.01
N ALA B 89 1.57 1.60 -6.31
CA ALA B 89 1.09 2.85 -6.88
C ALA B 89 -0.37 3.12 -6.53
N VAL B 90 -0.62 4.22 -5.80
CA VAL B 90 -1.98 4.60 -5.42
C VAL B 90 -2.54 5.42 -6.58
N SER B 91 -3.76 5.10 -7.02
CA SER B 91 -4.36 5.81 -8.14
C SER B 91 -4.53 7.30 -7.90
N ARG B 92 -4.59 8.06 -8.98
CA ARG B 92 -4.77 9.51 -8.87
C ARG B 92 -6.03 9.79 -8.05
N GLU B 93 -7.07 8.99 -8.26
CA GLU B 93 -8.32 9.17 -7.52
C GLU B 93 -8.10 8.98 -6.02
N ASP B 94 -7.59 7.81 -5.65
CA ASP B 94 -7.37 7.49 -4.25
C ASP B 94 -6.31 8.37 -3.60
N SER B 95 -5.43 8.95 -4.40
CA SER B 95 -4.37 9.80 -3.85
C SER B 95 -4.95 11.07 -3.23
N GLN B 96 -6.24 11.28 -3.41
CA GLN B 96 -6.92 12.45 -2.86
C GLN B 96 -7.32 12.25 -1.40
N ARG B 97 -7.58 11.01 -1.03
CA ARG B 97 -7.99 10.71 0.33
C ARG B 97 -6.89 11.07 1.32
N PRO B 98 -7.27 11.55 2.51
CA PRO B 98 -6.30 11.91 3.54
C PRO B 98 -5.45 10.71 3.96
N GLY B 99 -4.13 10.93 4.01
CA GLY B 99 -3.22 9.87 4.41
C GLY B 99 -3.06 8.75 3.40
N ALA B 100 -3.52 8.97 2.17
CA ALA B 100 -3.42 7.94 1.15
C ALA B 100 -1.98 7.47 0.92
N HIS B 101 -1.02 8.38 1.12
CA HIS B 101 0.37 8.04 0.87
C HIS B 101 1.22 7.75 2.10
N LEU B 102 0.58 7.65 3.27
CA LEU B 102 1.30 7.37 4.52
C LEU B 102 1.87 5.95 4.55
N THR B 103 3.01 5.80 5.22
CA THR B 103 3.64 4.49 5.37
C THR B 103 3.12 4.00 6.71
N VAL B 104 2.11 3.14 6.69
CA VAL B 104 1.53 2.63 7.94
C VAL B 104 1.42 1.11 7.92
N LYS B 105 1.43 0.50 9.09
CA LYS B 105 1.35 -0.95 9.21
C LYS B 105 0.00 -1.42 9.75
N LYS B 106 -0.88 -0.47 10.06
CA LYS B 106 -2.20 -0.78 10.60
C LYS B 106 -3.33 -0.35 9.68
N ILE B 107 -4.40 -1.15 9.66
CA ILE B 107 -5.57 -0.85 8.85
C ILE B 107 -6.86 -0.80 9.66
N PHE B 108 -7.78 0.03 9.19
CA PHE B 108 -9.10 0.19 9.77
C PHE B 108 -10.00 -0.73 8.92
N VAL B 109 -10.81 -1.54 9.58
CA VAL B 109 -11.71 -2.47 8.91
C VAL B 109 -13.10 -2.11 9.43
N GLY B 110 -13.89 -1.44 8.60
CA GLY B 110 -15.22 -1.04 9.03
C GLY B 110 -16.37 -1.81 8.42
N GLY B 111 -17.46 -1.90 9.17
CA GLY B 111 -18.64 -2.62 8.70
C GLY B 111 -18.58 -4.13 8.87
N ILE B 112 -18.05 -4.61 9.99
CA ILE B 112 -17.99 -6.05 10.24
C ILE B 112 -19.16 -6.44 11.13
N LYS B 113 -19.76 -7.60 10.86
CA LYS B 113 -20.90 -8.09 11.64
C LYS B 113 -20.60 -8.30 13.11
N GLU B 114 -21.65 -8.17 13.93
CA GLU B 114 -21.55 -8.33 15.38
C GLU B 114 -20.88 -9.64 15.76
N ASP B 115 -21.20 -10.70 15.04
CA ASP B 115 -20.64 -12.01 15.33
C ASP B 115 -19.27 -12.27 14.69
N THR B 116 -18.51 -11.20 14.42
CA THR B 116 -17.19 -11.35 13.83
C THR B 116 -16.17 -11.66 14.92
N GLU B 117 -15.33 -12.66 14.67
CA GLU B 117 -14.32 -13.05 15.63
C GLU B 117 -12.94 -13.00 14.96
N GLU B 118 -11.89 -12.92 15.77
CA GLU B 118 -10.55 -12.82 15.22
C GLU B 118 -10.21 -13.80 14.10
N HIS B 119 -10.59 -15.07 14.24
CA HIS B 119 -10.26 -16.02 13.19
C HIS B 119 -10.83 -15.60 11.83
N HIS B 120 -11.97 -14.91 11.84
CA HIS B 120 -12.59 -14.45 10.61
C HIS B 120 -11.65 -13.48 9.91
N LEU B 121 -11.08 -12.58 10.69
CA LEU B 121 -10.14 -11.60 10.16
C LEU B 121 -8.88 -12.25 9.63
N ARG B 122 -8.35 -13.22 10.39
CA ARG B 122 -7.13 -13.91 9.98
C ARG B 122 -7.34 -14.69 8.69
N ASP B 123 -8.49 -15.33 8.57
CA ASP B 123 -8.81 -16.12 7.39
C ASP B 123 -8.76 -15.27 6.12
N TYR B 124 -8.95 -13.97 6.25
CA TYR B 124 -8.91 -13.11 5.07
C TYR B 124 -7.59 -12.34 4.95
N PHE B 125 -7.15 -11.77 6.06
CA PHE B 125 -5.94 -10.96 6.06
C PHE B 125 -4.57 -11.64 6.10
N GLU B 126 -4.46 -12.83 6.67
CA GLU B 126 -3.16 -13.49 6.72
C GLU B 126 -2.49 -13.69 5.36
N GLN B 127 -3.28 -13.84 4.32
CA GLN B 127 -2.74 -14.02 2.97
C GLN B 127 -1.90 -12.84 2.49
N TYR B 128 -2.09 -11.68 3.14
CA TYR B 128 -1.36 -10.48 2.75
C TYR B 128 -0.06 -10.23 3.52
N GLY B 129 0.12 -10.93 4.64
CA GLY B 129 1.33 -10.76 5.43
C GLY B 129 1.20 -11.12 6.90
N LYS B 130 2.32 -11.11 7.59
CA LYS B 130 2.37 -11.43 9.02
C LYS B 130 1.56 -10.43 9.83
N ILE B 131 0.57 -10.94 10.55
CA ILE B 131 -0.28 -10.10 11.40
C ILE B 131 0.34 -10.05 12.79
N GLU B 132 0.49 -8.84 13.30
CA GLU B 132 1.07 -8.63 14.63
C GLU B 132 -0.02 -8.45 15.68
N VAL B 133 -1.05 -7.66 15.35
CA VAL B 133 -2.14 -7.38 16.29
C VAL B 133 -3.51 -7.30 15.63
N ILE B 134 -4.54 -7.78 16.33
CA ILE B 134 -5.92 -7.71 15.85
C ILE B 134 -6.77 -7.14 16.98
N GLU B 135 -7.57 -6.11 16.68
CA GLU B 135 -8.40 -5.48 17.69
C GLU B 135 -9.83 -5.21 17.23
N ILE B 136 -10.79 -6.01 17.72
CA ILE B 136 -12.19 -5.82 17.38
C ILE B 136 -12.74 -4.88 18.44
N MET B 137 -13.13 -3.68 18.00
CA MET B 137 -13.58 -2.64 18.92
C MET B 137 -14.96 -2.75 19.55
N THR B 138 -15.03 -2.37 20.82
CA THR B 138 -16.26 -2.37 21.58
C THR B 138 -16.34 -1.05 22.34
N ASP B 139 -17.53 -0.70 22.79
CA ASP B 139 -17.68 0.51 23.56
C ASP B 139 -17.20 0.15 24.96
N ARG B 140 -16.19 0.86 25.44
CA ARG B 140 -15.64 0.57 26.76
C ARG B 140 -16.67 0.64 27.88
N GLY B 141 -17.71 1.45 27.73
CA GLY B 141 -18.71 1.57 28.76
C GLY B 141 -19.82 0.53 28.72
N SER B 142 -20.42 0.33 27.56
CA SER B 142 -21.51 -0.61 27.41
C SER B 142 -21.07 -2.02 27.03
N GLY B 143 -19.87 -2.13 26.46
CA GLY B 143 -19.38 -3.43 26.05
C GLY B 143 -20.02 -3.86 24.73
N LYS B 144 -20.69 -2.92 24.08
CA LYS B 144 -21.35 -3.18 22.80
C LYS B 144 -20.34 -3.21 21.66
N LYS B 145 -20.55 -4.09 20.69
CA LYS B 145 -19.67 -4.19 19.52
C LYS B 145 -19.90 -2.94 18.66
N ARG B 146 -18.83 -2.31 18.20
CA ARG B 146 -18.98 -1.10 17.40
C ARG B 146 -18.95 -1.31 15.88
N GLY B 147 -18.72 -2.53 15.44
CA GLY B 147 -18.72 -2.79 14.01
C GLY B 147 -17.46 -2.46 13.21
N PHE B 148 -16.31 -2.36 13.88
CA PHE B 148 -15.07 -2.10 13.18
C PHE B 148 -13.89 -2.67 13.96
N ALA B 149 -12.78 -2.91 13.26
CA ALA B 149 -11.59 -3.48 13.88
C ALA B 149 -10.31 -2.88 13.32
N PHE B 150 -9.20 -3.20 13.99
CA PHE B 150 -7.89 -2.74 13.58
C PHE B 150 -6.99 -3.95 13.44
N VAL B 151 -6.21 -3.98 12.38
CA VAL B 151 -5.29 -5.09 12.14
C VAL B 151 -3.94 -4.50 11.83
N THR B 152 -2.92 -4.91 12.59
CA THR B 152 -1.56 -4.42 12.40
C THR B 152 -0.66 -5.49 11.81
N PHE B 153 0.09 -5.13 10.77
CA PHE B 153 0.99 -6.06 10.12
C PHE B 153 2.44 -5.74 10.45
N ASP B 154 3.34 -6.62 10.01
CA ASP B 154 4.76 -6.47 10.27
C ASP B 154 5.41 -5.68 9.11
N ASP B 155 4.71 -5.58 7.98
CA ASP B 155 5.24 -4.89 6.81
C ASP B 155 4.21 -3.95 6.21
N HIS B 156 4.61 -2.69 6.00
CA HIS B 156 3.70 -1.70 5.45
C HIS B 156 3.18 -2.11 4.07
N ASP B 157 3.96 -2.90 3.33
CA ASP B 157 3.52 -3.32 2.00
C ASP B 157 2.28 -4.20 2.08
N SER B 158 2.11 -4.92 3.20
CA SER B 158 0.92 -5.76 3.38
C SER B 158 -0.30 -4.84 3.32
N VAL B 159 -0.21 -3.72 4.03
CA VAL B 159 -1.27 -2.73 4.07
C VAL B 159 -1.51 -2.13 2.70
N ASP B 160 -0.43 -1.76 2.01
CA ASP B 160 -0.58 -1.17 0.69
C ASP B 160 -1.19 -2.17 -0.30
N LYS B 161 -0.80 -3.43 -0.23
CA LYS B 161 -1.38 -4.45 -1.12
C LYS B 161 -2.88 -4.58 -0.89
N ILE B 162 -3.30 -4.36 0.35
CA ILE B 162 -4.71 -4.47 0.70
C ILE B 162 -5.57 -3.29 0.27
N VAL B 163 -5.21 -2.11 0.73
CA VAL B 163 -5.99 -0.93 0.43
C VAL B 163 -6.13 -0.55 -1.04
N ILE B 164 -5.28 -1.10 -1.90
CA ILE B 164 -5.40 -0.80 -3.33
C ILE B 164 -6.46 -1.70 -3.96
N GLN B 165 -6.96 -2.69 -3.21
CA GLN B 165 -8.00 -3.58 -3.74
C GLN B 165 -9.33 -2.91 -3.34
N LYS B 166 -10.38 -3.18 -4.10
CA LYS B 166 -11.67 -2.55 -3.79
C LYS B 166 -12.53 -3.30 -2.77
N TYR B 167 -12.55 -4.62 -2.85
CA TYR B 167 -13.39 -5.41 -1.95
C TYR B 167 -12.64 -6.33 -1.00
N HIS B 168 -13.24 -6.60 0.16
CA HIS B 168 -12.65 -7.47 1.17
C HIS B 168 -13.77 -8.21 1.88
N THR B 169 -13.72 -9.54 1.84
CA THR B 169 -14.76 -10.36 2.44
C THR B 169 -14.32 -10.95 3.78
N VAL B 170 -14.98 -10.51 4.84
CA VAL B 170 -14.68 -11.00 6.18
C VAL B 170 -15.98 -11.49 6.81
N ASN B 171 -15.92 -12.68 7.40
CA ASN B 171 -17.09 -13.29 8.04
C ASN B 171 -18.26 -13.26 7.07
N GLY B 172 -18.02 -13.75 5.85
CA GLY B 172 -19.04 -13.82 4.83
C GLY B 172 -19.45 -12.60 4.03
N HIS B 173 -19.12 -11.40 4.51
CA HIS B 173 -19.52 -10.18 3.80
C HIS B 173 -18.42 -9.15 3.56
N ASN B 174 -18.63 -8.33 2.55
CA ASN B 174 -17.69 -7.27 2.21
C ASN B 174 -17.51 -6.30 3.37
N CYS B 175 -16.32 -5.73 3.47
CA CYS B 175 -16.03 -4.74 4.49
C CYS B 175 -15.09 -3.69 3.87
N GLU B 176 -15.08 -2.48 4.42
CA GLU B 176 -14.24 -1.42 3.90
C GLU B 176 -12.93 -1.42 4.66
N VAL B 177 -11.82 -1.34 3.93
CA VAL B 177 -10.52 -1.32 4.59
C VAL B 177 -9.71 -0.09 4.18
N ARG B 178 -9.27 0.68 5.17
CA ARG B 178 -8.50 1.88 4.91
C ARG B 178 -7.25 1.91 5.79
N LYS B 179 -6.30 2.76 5.43
CA LYS B 179 -5.10 2.91 6.22
C LYS B 179 -5.58 3.58 7.50
N ALA B 180 -5.10 3.12 8.65
CA ALA B 180 -5.52 3.69 9.90
C ALA B 180 -4.91 5.06 10.14
N LEU B 181 -5.75 6.03 10.48
CA LEU B 181 -5.29 7.38 10.79
C LEU B 181 -5.40 7.53 12.30
N SER B 182 -4.45 8.24 12.90
CA SER B 182 -4.46 8.43 14.35
C SER B 182 -5.67 9.23 14.78
N LYS B 183 -5.90 9.26 16.08
CA LYS B 183 -7.02 10.03 16.61
C LYS B 183 -6.89 11.45 16.09
N GLN B 184 -5.67 11.99 16.15
CA GLN B 184 -5.43 13.34 15.68
C GLN B 184 -5.53 13.48 14.17
N GLU B 185 -5.03 12.51 13.43
CA GLU B 185 -5.12 12.57 11.97
C GLU B 185 -6.60 12.57 11.57
N MET B 186 -7.40 11.75 12.25
CA MET B 186 -8.83 11.68 11.95
C MET B 186 -9.44 13.05 12.16
N ALA B 187 -9.00 13.73 13.23
CA ALA B 187 -9.48 15.05 13.56
C ALA B 187 -9.11 16.05 12.47
N SER B 188 -7.84 16.07 12.09
CA SER B 188 -7.39 16.98 11.05
C SER B 188 -8.02 16.60 9.72
N ALA B 189 -8.55 15.38 9.64
CA ALA B 189 -9.19 14.89 8.42
C ALA B 189 -10.65 15.32 8.37
N SER B 190 -11.18 15.79 9.50
CA SER B 190 -12.55 16.25 9.58
C SER B 190 -12.63 17.75 9.33
#